data_7HRV
#
_entry.id   7HRV
#
_cell.length_a   99.037
_cell.length_b   99.051
_cell.length_c   128.511
_cell.angle_alpha   90.00
_cell.angle_beta   90.00
_cell.angle_gamma   90.00
#
_symmetry.space_group_name_H-M   'I 2 2 2'
#
loop_
_entity.id
_entity.type
_entity.pdbx_description
1 polymer 'Oleoyl-acyl carrier protein thioesterase 1, chloroplastic'
2 non-polymer 4,6-dimethylpyridin-2-amine
3 non-polymer 'SULFATE ION'
4 water water
#
_entity_poly.entity_id   1
_entity_poly.type   'polypeptide(L)'
_entity_poly.pdbx_seq_one_letter_code
;MGSLTEDGLSYKEKFVVRSYEVGSNKTATVETIANLLQEVGCNHAQSVGFSTDGFATTTTMRKLHLIWVTARMHIEIYKY
PAWGDVVEIETWCQSEGRIGTRRDWILKDSVTGEVTGRATSKWVMMNQDTRRLQKVSDDVRDEYLVFCPQEPRLAFPEEN
NRSLKKIPKLEDPAQYSMIGLKPRRADLDMNQHVNNVTYIGWVLESIPQEIVDTHELQVITLDYRRECQQDDVVDSLTTT
TSEIGGTNGSATSGTQGHNDSQFLHLLRLSGDGQEINRGTTLWRKKPSSHHHHHH
;
_entity_poly.pdbx_strand_id   A,B
#
loop_
_chem_comp.id
_chem_comp.type
_chem_comp.name
_chem_comp.formula
71L non-polymer 4,6-dimethylpyridin-2-amine 'C7 H10 N2'
SO4 non-polymer 'SULFATE ION' 'O4 S -2'
#
# COMPACT_ATOMS: atom_id res chain seq x y z
N GLY A 2 -1.93 -7.69 -18.43
CA GLY A 2 -3.26 -7.20 -18.76
C GLY A 2 -3.39 -6.82 -20.22
N SER A 3 -4.63 -6.74 -20.73
CA SER A 3 -4.83 -6.46 -22.13
C SER A 3 -6.22 -5.94 -22.40
N LEU A 4 -6.37 -5.18 -23.51
CA LEU A 4 -7.69 -4.86 -24.00
C LEU A 4 -8.34 -6.17 -24.49
N THR A 5 -9.66 -6.28 -24.39
CA THR A 5 -10.36 -7.44 -24.91
C THR A 5 -10.37 -7.40 -26.46
N GLU A 6 -10.80 -8.50 -27.11
CA GLU A 6 -10.87 -8.61 -28.55
C GLU A 6 -11.53 -7.38 -29.25
N ASP A 7 -12.67 -6.90 -28.72
CA ASP A 7 -13.36 -5.78 -29.34
C ASP A 7 -12.76 -4.41 -29.00
N GLY A 8 -11.79 -4.36 -28.09
CA GLY A 8 -11.11 -3.14 -27.71
C GLY A 8 -11.92 -2.16 -26.87
N LEU A 9 -13.07 -2.64 -26.34
CA LEU A 9 -13.97 -1.78 -25.55
C LEU A 9 -13.93 -2.03 -24.02
N SER A 10 -13.08 -2.97 -23.57
CA SER A 10 -12.87 -3.16 -22.13
C SER A 10 -11.46 -3.71 -21.93
N TYR A 11 -11.03 -3.82 -20.66
CA TYR A 11 -9.66 -4.22 -20.36
C TYR A 11 -9.68 -5.22 -19.22
N LYS A 12 -8.83 -6.24 -19.28
CA LYS A 12 -8.79 -7.25 -18.21
C LYS A 12 -7.36 -7.41 -17.68
N GLU A 13 -7.24 -7.64 -16.38
CA GLU A 13 -5.94 -7.87 -15.76
C GLU A 13 -6.09 -8.81 -14.60
N LYS A 14 -5.10 -9.68 -14.41
CA LYS A 14 -5.08 -10.64 -13.30
C LYS A 14 -4.05 -10.17 -12.23
N PHE A 15 -4.38 -10.34 -10.94
CA PHE A 15 -3.51 -9.97 -9.84
C PHE A 15 -3.41 -11.13 -8.86
N VAL A 16 -2.19 -11.38 -8.38
CA VAL A 16 -1.97 -12.37 -7.33
C VAL A 16 -1.99 -11.61 -6.00
N VAL A 17 -2.92 -11.94 -5.09
CA VAL A 17 -3.01 -11.25 -3.79
C VAL A 17 -1.75 -11.43 -2.92
N ARG A 18 -1.14 -10.30 -2.51
CA ARG A 18 0.11 -10.29 -1.73
C ARG A 18 -0.08 -10.47 -0.25
N SER A 19 1.01 -10.91 0.44
CA SER A 19 1.01 -11.12 1.88
C SER A 19 0.56 -9.88 2.63
N TYR A 20 1.08 -8.71 2.26
CA TYR A 20 0.77 -7.48 3.02
C TYR A 20 -0.58 -6.82 2.66
N GLU A 21 -1.25 -7.39 1.64
CA GLU A 21 -2.53 -6.88 1.17
C GLU A 21 -3.75 -7.47 1.91
N VAL A 22 -3.53 -8.45 2.80
CA VAL A 22 -4.61 -9.15 3.46
C VAL A 22 -4.78 -8.76 4.91
N GLY A 23 -6.02 -8.95 5.40
CA GLY A 23 -6.35 -8.68 6.80
C GLY A 23 -6.30 -9.91 7.68
N SER A 24 -6.98 -9.86 8.84
N SER A 24 -6.96 -9.85 8.85
N SER A 24 -6.98 -9.86 8.84
CA SER A 24 -7.01 -10.94 9.83
CA SER A 24 -6.95 -10.96 9.82
CA SER A 24 -7.01 -10.94 9.83
C SER A 24 -7.52 -12.28 9.32
C SER A 24 -7.50 -12.30 9.31
C SER A 24 -7.52 -12.28 9.32
N ASN A 25 -8.45 -12.28 8.36
CA ASN A 25 -8.97 -13.55 7.81
C ASN A 25 -8.15 -14.07 6.62
N LYS A 26 -6.95 -13.51 6.40
CA LYS A 26 -6.07 -13.89 5.29
C LYS A 26 -6.73 -13.65 3.94
N THR A 27 -7.67 -12.68 3.84
CA THR A 27 -8.24 -12.30 2.55
C THR A 27 -7.96 -10.80 2.30
N ALA A 28 -8.01 -10.38 1.03
CA ALA A 28 -7.72 -8.99 0.66
C ALA A 28 -8.61 -8.00 1.38
N THR A 29 -8.05 -6.88 1.87
CA THR A 29 -8.89 -5.87 2.51
C THR A 29 -9.67 -5.12 1.43
N VAL A 30 -10.71 -4.32 1.82
CA VAL A 30 -11.40 -3.56 0.78
C VAL A 30 -10.46 -2.44 0.20
N GLU A 31 -9.44 -1.98 1.00
CA GLU A 31 -8.50 -0.99 0.44
C GLU A 31 -7.61 -1.66 -0.60
N THR A 32 -7.20 -2.95 -0.38
CA THR A 32 -6.47 -3.66 -1.45
C THR A 32 -7.33 -3.76 -2.73
N ILE A 33 -8.62 -4.14 -2.59
CA ILE A 33 -9.52 -4.22 -3.75
C ILE A 33 -9.57 -2.85 -4.45
N ALA A 34 -9.79 -1.77 -3.68
CA ALA A 34 -9.88 -0.43 -4.30
C ALA A 34 -8.55 -0.05 -5.03
N ASN A 35 -7.38 -0.42 -4.45
CA ASN A 35 -6.08 -0.14 -5.13
C ASN A 35 -6.02 -0.95 -6.46
N LEU A 36 -6.46 -2.21 -6.44
CA LEU A 36 -6.42 -3.01 -7.70
C LEU A 36 -7.38 -2.41 -8.75
N LEU A 37 -8.56 -1.92 -8.31
CA LEU A 37 -9.51 -1.28 -9.26
C LEU A 37 -8.83 -0.05 -9.89
N GLN A 38 -8.12 0.77 -9.06
CA GLN A 38 -7.43 1.93 -9.63
C GLN A 38 -6.32 1.55 -10.58
N GLU A 39 -5.56 0.47 -10.24
CA GLU A 39 -4.44 0.03 -11.08
C GLU A 39 -4.95 -0.46 -12.45
N VAL A 40 -6.01 -1.30 -12.46
CA VAL A 40 -6.52 -1.77 -13.77
C VAL A 40 -7.13 -0.59 -14.56
N GLY A 41 -7.73 0.40 -13.85
CA GLY A 41 -8.25 1.59 -14.53
C GLY A 41 -7.13 2.35 -15.22
N CYS A 42 -5.97 2.49 -14.54
N CYS A 42 -6.00 2.48 -14.54
N CYS A 42 -5.97 2.49 -14.54
CA CYS A 42 -4.80 3.19 -15.09
CA CYS A 42 -4.84 3.18 -15.06
CA CYS A 42 -4.80 3.19 -15.09
C CYS A 42 -4.24 2.44 -16.29
C CYS A 42 -4.24 2.44 -16.27
C CYS A 42 -4.24 2.44 -16.29
N ASN A 43 -4.16 1.10 -16.20
CA ASN A 43 -3.60 0.31 -17.32
C ASN A 43 -4.53 0.39 -18.55
N HIS A 44 -5.84 0.44 -18.30
CA HIS A 44 -6.81 0.59 -19.39
C HIS A 44 -6.62 1.97 -20.05
N ALA A 45 -6.52 3.05 -19.24
CA ALA A 45 -6.34 4.40 -19.79
C ALA A 45 -5.04 4.48 -20.64
N GLN A 46 -3.95 3.86 -20.18
CA GLN A 46 -2.70 3.88 -20.94
C GLN A 46 -2.87 3.14 -22.28
N SER A 47 -3.61 2.02 -22.26
N SER A 47 -3.61 2.02 -22.26
N SER A 47 -3.61 2.02 -22.26
CA SER A 47 -3.83 1.20 -23.44
CA SER A 47 -3.83 1.19 -23.44
CA SER A 47 -3.83 1.20 -23.44
C SER A 47 -4.64 1.91 -24.53
C SER A 47 -4.66 1.89 -24.52
C SER A 47 -4.64 1.91 -24.53
N VAL A 48 -5.50 2.86 -24.15
CA VAL A 48 -6.31 3.57 -25.15
C VAL A 48 -5.82 5.02 -25.42
N GLY A 49 -4.55 5.29 -25.12
CA GLY A 49 -3.92 6.57 -25.47
C GLY A 49 -3.99 7.75 -24.53
N PHE A 50 -4.33 7.56 -23.25
CA PHE A 50 -4.39 8.68 -22.31
C PHE A 50 -3.00 9.15 -21.88
N SER A 51 -2.91 10.40 -21.33
CA SER A 51 -1.61 10.90 -20.91
C SER A 51 -1.01 10.03 -19.79
N THR A 52 0.32 9.91 -19.77
CA THR A 52 1.04 9.07 -18.80
C THR A 52 1.73 9.89 -17.70
N ASP A 53 1.12 11.02 -17.32
CA ASP A 53 1.69 11.90 -16.30
C ASP A 53 1.01 11.79 -14.92
N GLY A 54 0.06 10.88 -14.77
CA GLY A 54 -0.68 10.70 -13.53
C GLY A 54 -2.06 11.32 -13.53
N PHE A 55 -2.34 12.22 -14.49
CA PHE A 55 -3.63 12.90 -14.57
C PHE A 55 -4.66 12.20 -15.48
N ALA A 56 -4.24 11.20 -16.29
CA ALA A 56 -5.13 10.45 -17.19
C ALA A 56 -6.11 11.36 -17.98
N THR A 57 -5.56 12.31 -18.72
CA THR A 57 -6.35 13.27 -19.49
C THR A 57 -6.31 12.95 -20.98
N THR A 58 -7.32 13.42 -21.72
CA THR A 58 -7.33 13.30 -23.18
C THR A 58 -6.58 14.54 -23.75
N THR A 59 -6.37 14.55 -25.08
CA THR A 59 -5.74 15.65 -25.77
C THR A 59 -6.54 16.96 -25.61
N THR A 60 -7.88 16.90 -25.74
CA THR A 60 -8.71 18.09 -25.58
C THR A 60 -8.61 18.61 -24.12
N MET A 61 -8.61 17.69 -23.14
N MET A 61 -8.61 17.69 -23.14
N MET A 61 -8.61 17.69 -23.14
CA MET A 61 -8.51 18.09 -21.74
CA MET A 61 -8.51 18.09 -21.74
CA MET A 61 -8.51 18.09 -21.74
C MET A 61 -7.20 18.82 -21.43
C MET A 61 -7.20 18.83 -21.44
C MET A 61 -7.20 18.82 -21.43
N ARG A 62 -6.08 18.37 -22.01
CA ARG A 62 -4.78 19.03 -21.78
C ARG A 62 -4.76 20.46 -22.33
N LYS A 63 -5.32 20.64 -23.53
CA LYS A 63 -5.40 21.94 -24.20
C LYS A 63 -6.20 22.93 -23.33
N LEU A 64 -7.30 22.44 -22.73
CA LEU A 64 -8.19 23.28 -21.91
C LEU A 64 -7.89 23.25 -20.39
N HIS A 65 -6.79 22.63 -19.94
CA HIS A 65 -6.39 22.55 -18.53
C HIS A 65 -7.52 21.90 -17.68
N LEU A 66 -8.07 20.78 -18.15
CA LEU A 66 -9.12 20.06 -17.46
C LEU A 66 -8.63 18.74 -16.91
N ILE A 67 -9.24 18.32 -15.77
CA ILE A 67 -8.98 17.02 -15.16
C ILE A 67 -10.32 16.37 -14.70
N TRP A 68 -10.31 15.08 -14.44
CA TRP A 68 -11.45 14.39 -13.86
C TRP A 68 -11.22 14.32 -12.37
N VAL A 69 -12.29 14.50 -11.58
CA VAL A 69 -12.24 14.27 -10.13
C VAL A 69 -13.32 13.25 -9.76
N THR A 70 -13.03 12.39 -8.78
CA THR A 70 -13.99 11.37 -8.36
C THR A 70 -15.13 12.04 -7.62
N ALA A 71 -16.36 11.64 -7.92
CA ALA A 71 -17.53 12.11 -7.18
C ALA A 71 -18.06 10.98 -6.28
N ARG A 72 -17.96 9.71 -6.76
CA ARG A 72 -18.47 8.60 -5.94
C ARG A 72 -17.76 7.33 -6.30
N MET A 73 -17.53 6.49 -5.29
CA MET A 73 -17.06 5.14 -5.48
C MET A 73 -18.09 4.21 -4.80
N HIS A 74 -18.48 3.10 -5.47
CA HIS A 74 -19.41 2.16 -4.85
C HIS A 74 -18.88 0.76 -5.13
N ILE A 75 -18.64 -0.01 -4.08
CA ILE A 75 -18.08 -1.36 -4.22
C ILE A 75 -18.95 -2.37 -3.50
N GLU A 76 -19.22 -3.51 -4.17
CA GLU A 76 -19.94 -4.61 -3.54
C GLU A 76 -19.08 -5.88 -3.68
N ILE A 77 -18.75 -6.53 -2.56
CA ILE A 77 -17.91 -7.71 -2.61
C ILE A 77 -18.69 -8.90 -2.09
N TYR A 78 -18.74 -10.01 -2.85
CA TYR A 78 -19.38 -11.23 -2.42
C TYR A 78 -18.35 -12.13 -1.72
N LYS A 79 -17.12 -12.20 -2.24
CA LYS A 79 -16.07 -12.99 -1.61
C LYS A 79 -14.73 -12.25 -1.79
N TYR A 80 -13.97 -12.05 -0.71
CA TYR A 80 -12.65 -11.42 -0.83
C TYR A 80 -11.64 -12.51 -1.18
N PRO A 81 -10.77 -12.27 -2.15
CA PRO A 81 -9.79 -13.30 -2.52
C PRO A 81 -8.76 -13.52 -1.42
N ALA A 82 -8.33 -14.77 -1.26
CA ALA A 82 -7.37 -15.10 -0.21
C ALA A 82 -5.94 -14.76 -0.67
N TRP A 83 -5.02 -14.63 0.29
CA TRP A 83 -3.58 -14.47 0.07
C TRP A 83 -3.07 -15.56 -0.95
N GLY A 84 -2.44 -15.15 -2.05
CA GLY A 84 -1.94 -16.10 -3.04
C GLY A 84 -2.94 -16.43 -4.15
N ASP A 85 -4.23 -16.10 -3.94
CA ASP A 85 -5.26 -16.33 -5.00
C ASP A 85 -5.06 -15.35 -6.16
N VAL A 86 -5.59 -15.71 -7.34
CA VAL A 86 -5.52 -14.84 -8.51
C VAL A 86 -6.92 -14.29 -8.75
N VAL A 87 -7.05 -12.96 -8.84
CA VAL A 87 -8.33 -12.32 -9.11
C VAL A 87 -8.25 -11.66 -10.51
N GLU A 88 -9.28 -11.83 -11.36
CA GLU A 88 -9.28 -11.19 -12.65
C GLU A 88 -10.27 -10.03 -12.59
N ILE A 89 -9.85 -8.85 -13.00
CA ILE A 89 -10.74 -7.69 -12.97
C ILE A 89 -10.92 -7.17 -14.40
N GLU A 90 -12.16 -6.94 -14.80
CA GLU A 90 -12.50 -6.39 -16.12
C GLU A 90 -13.04 -4.97 -15.85
N THR A 91 -12.58 -4.00 -16.64
CA THR A 91 -13.04 -2.62 -16.46
C THR A 91 -13.39 -1.99 -17.82
N TRP A 92 -14.29 -1.03 -17.77
CA TRP A 92 -14.68 -0.26 -18.97
C TRP A 92 -15.24 1.07 -18.52
N CYS A 93 -15.37 2.02 -19.45
N CYS A 93 -15.34 2.02 -19.47
N CYS A 93 -15.37 2.02 -19.45
CA CYS A 93 -15.95 3.30 -19.08
CA CYS A 93 -15.87 3.36 -19.19
CA CYS A 93 -15.95 3.30 -19.08
C CYS A 93 -17.07 3.70 -20.02
C CYS A 93 -17.12 3.64 -20.00
C CYS A 93 -17.07 3.70 -20.02
N GLN A 94 -17.86 4.68 -19.58
CA GLN A 94 -19.00 5.14 -20.36
C GLN A 94 -19.16 6.62 -20.15
N SER A 95 -19.57 7.34 -21.18
CA SER A 95 -19.89 8.76 -21.05
C SER A 95 -21.34 8.86 -20.54
N GLU A 96 -21.64 9.85 -19.68
CA GLU A 96 -23.02 10.05 -19.24
C GLU A 96 -23.43 11.48 -19.68
N GLY A 97 -23.48 11.65 -21.00
CA GLY A 97 -23.80 12.93 -21.64
C GLY A 97 -22.87 14.05 -21.19
N ARG A 98 -23.45 15.17 -20.80
CA ARG A 98 -22.66 16.30 -20.29
C ARG A 98 -22.40 16.23 -18.78
N ILE A 99 -23.01 15.27 -18.04
CA ILE A 99 -22.87 15.18 -16.60
C ILE A 99 -21.41 14.84 -16.17
N GLY A 100 -20.87 13.79 -16.78
CA GLY A 100 -19.57 13.27 -16.41
C GLY A 100 -19.36 11.90 -17.05
N THR A 101 -18.47 11.11 -16.48
CA THR A 101 -18.20 9.78 -17.00
C THR A 101 -18.28 8.75 -15.86
N ARG A 102 -18.34 7.48 -16.22
CA ARG A 102 -18.42 6.41 -15.25
C ARG A 102 -17.36 5.37 -15.61
N ARG A 103 -16.73 4.76 -14.59
CA ARG A 103 -15.85 3.61 -14.81
C ARG A 103 -16.44 2.50 -13.98
N ASP A 104 -16.66 1.32 -14.63
CA ASP A 104 -17.23 0.16 -13.97
C ASP A 104 -16.24 -1.01 -13.94
N TRP A 105 -16.40 -1.88 -12.95
CA TRP A 105 -15.53 -3.06 -12.83
C TRP A 105 -16.30 -4.29 -12.42
N ILE A 106 -15.85 -5.49 -12.90
CA ILE A 106 -16.34 -6.77 -12.46
C ILE A 106 -15.15 -7.58 -11.98
N LEU A 107 -15.24 -8.18 -10.77
CA LEU A 107 -14.12 -8.99 -10.25
C LEU A 107 -14.53 -10.44 -10.30
N LYS A 108 -13.61 -11.33 -10.73
CA LYS A 108 -13.87 -12.78 -10.83
C LYS A 108 -12.75 -13.60 -10.21
N ASP A 109 -13.12 -14.80 -9.73
CA ASP A 109 -12.14 -15.75 -9.22
C ASP A 109 -11.58 -16.36 -10.49
N SER A 110 -10.27 -16.23 -10.73
CA SER A 110 -9.67 -16.71 -11.97
C SER A 110 -9.80 -18.24 -12.17
N VAL A 111 -9.81 -19.01 -11.08
CA VAL A 111 -9.90 -20.47 -11.19
C VAL A 111 -11.34 -20.92 -11.51
N THR A 112 -12.32 -20.38 -10.78
CA THR A 112 -13.71 -20.80 -10.97
C THR A 112 -14.47 -20.02 -12.05
N GLY A 113 -14.05 -18.79 -12.32
CA GLY A 113 -14.76 -17.91 -13.25
C GLY A 113 -15.97 -17.22 -12.63
N GLU A 114 -16.25 -17.48 -11.33
CA GLU A 114 -17.38 -16.89 -10.62
C GLU A 114 -17.17 -15.39 -10.37
N VAL A 115 -18.23 -14.60 -10.44
CA VAL A 115 -18.17 -13.18 -10.09
C VAL A 115 -18.10 -13.05 -8.57
N THR A 116 -17.04 -12.42 -8.07
CA THR A 116 -16.84 -12.26 -6.63
C THR A 116 -17.06 -10.83 -6.15
N GLY A 117 -17.25 -9.88 -7.08
CA GLY A 117 -17.48 -8.49 -6.71
C GLY A 117 -17.73 -7.61 -7.92
N ARG A 118 -18.25 -6.41 -7.68
CA ARG A 118 -18.50 -5.44 -8.75
C ARG A 118 -18.33 -4.03 -8.18
N ALA A 119 -18.02 -3.09 -9.04
CA ALA A 119 -17.82 -1.72 -8.57
C ALA A 119 -18.17 -0.71 -9.65
N THR A 120 -18.49 0.51 -9.22
CA THR A 120 -18.78 1.57 -10.17
C THR A 120 -18.32 2.89 -9.56
N SER A 121 -17.90 3.82 -10.41
CA SER A 121 -17.41 5.12 -9.94
C SER A 121 -17.90 6.21 -10.90
N LYS A 122 -18.22 7.39 -10.33
CA LYS A 122 -18.67 8.53 -11.14
C LYS A 122 -17.60 9.64 -11.05
N TRP A 123 -17.31 10.27 -12.19
CA TRP A 123 -16.27 11.27 -12.32
C TRP A 123 -16.87 12.53 -12.93
N VAL A 124 -16.43 13.70 -12.43
CA VAL A 124 -16.90 14.97 -12.97
C VAL A 124 -15.71 15.81 -13.45
N MET A 125 -15.93 16.66 -14.46
CA MET A 125 -14.86 17.48 -15.03
C MET A 125 -14.58 18.70 -14.17
N MET A 126 -13.30 19.10 -14.07
CA MET A 126 -12.92 20.26 -13.28
C MET A 126 -11.79 21.00 -14.00
N ASN A 127 -11.75 22.33 -13.90
CA ASN A 127 -10.60 23.09 -14.38
C ASN A 127 -9.48 22.86 -13.33
N GLN A 128 -8.30 22.44 -13.78
CA GLN A 128 -7.18 22.12 -12.88
C GLN A 128 -6.66 23.34 -12.09
N ASP A 129 -6.76 24.52 -12.68
CA ASP A 129 -6.25 25.76 -12.08
C ASP A 129 -7.22 26.40 -11.07
N THR A 130 -8.49 26.60 -11.45
CA THR A 130 -9.49 27.20 -10.59
C THR A 130 -10.20 26.23 -9.65
N ARG A 131 -10.12 24.92 -9.93
CA ARG A 131 -10.84 23.90 -9.17
C ARG A 131 -12.36 24.05 -9.32
N ARG A 132 -12.83 24.68 -10.42
CA ARG A 132 -14.26 24.83 -10.67
C ARG A 132 -14.77 23.69 -11.56
N LEU A 133 -15.91 23.10 -11.16
CA LEU A 133 -16.55 22.03 -11.93
C LEU A 133 -17.09 22.57 -13.25
N GLN A 134 -17.28 21.66 -14.23
CA GLN A 134 -17.91 22.03 -15.48
C GLN A 134 -18.51 20.85 -16.19
N LYS A 135 -19.35 21.10 -17.21
CA LYS A 135 -19.95 20.04 -18.01
C LYS A 135 -18.92 19.44 -18.97
N VAL A 136 -19.20 18.24 -19.48
CA VAL A 136 -18.30 17.58 -20.43
C VAL A 136 -18.58 18.15 -21.85
N SER A 137 -17.55 18.64 -22.55
CA SER A 137 -17.74 19.23 -23.90
C SER A 137 -17.96 18.20 -25.01
N ASP A 138 -18.48 18.64 -26.20
CA ASP A 138 -18.65 17.71 -27.34
C ASP A 138 -17.36 17.04 -27.73
N ASP A 139 -16.23 17.78 -27.74
CA ASP A 139 -14.95 17.18 -28.15
C ASP A 139 -14.54 16.05 -27.20
N VAL A 140 -14.79 16.21 -25.88
CA VAL A 140 -14.44 15.14 -24.93
C VAL A 140 -15.37 13.93 -25.07
N ARG A 141 -16.68 14.16 -25.28
CA ARG A 141 -17.61 13.06 -25.51
C ARG A 141 -17.23 12.28 -26.78
N ASP A 142 -16.75 12.99 -27.81
CA ASP A 142 -16.31 12.32 -29.03
C ASP A 142 -15.11 11.43 -28.77
N GLU A 143 -14.17 11.88 -27.90
CA GLU A 143 -12.99 11.08 -27.55
C GLU A 143 -13.41 9.81 -26.81
N TYR A 144 -14.42 9.88 -25.94
CA TYR A 144 -14.89 8.70 -25.20
C TYR A 144 -15.59 7.70 -26.12
N LEU A 145 -16.30 8.18 -27.15
CA LEU A 145 -16.93 7.27 -28.12
C LEU A 145 -15.91 6.31 -28.77
N VAL A 146 -14.64 6.72 -28.85
CA VAL A 146 -13.67 5.88 -29.50
C VAL A 146 -13.46 4.55 -28.74
N PHE A 147 -13.45 4.59 -27.42
CA PHE A 147 -13.08 3.42 -26.63
C PHE A 147 -14.12 2.93 -25.64
N CYS A 148 -15.34 3.48 -25.67
CA CYS A 148 -16.41 3.07 -24.78
C CYS A 148 -17.51 2.34 -25.57
N PRO A 149 -18.17 1.36 -24.95
CA PRO A 149 -19.32 0.74 -25.64
C PRO A 149 -20.42 1.77 -25.85
N GLN A 150 -21.07 1.74 -27.05
CA GLN A 150 -22.09 2.73 -27.34
C GLN A 150 -23.49 2.32 -26.82
N GLU A 151 -23.74 1.02 -26.64
CA GLU A 151 -24.97 0.52 -25.98
C GLU A 151 -24.64 0.48 -24.47
N PRO A 152 -25.61 0.77 -23.57
CA PRO A 152 -25.26 0.80 -22.12
C PRO A 152 -24.76 -0.53 -21.61
N ARG A 153 -23.72 -0.50 -20.77
CA ARG A 153 -23.14 -1.67 -20.16
C ARG A 153 -22.90 -1.27 -18.72
N LEU A 154 -23.72 -1.81 -17.82
CA LEU A 154 -23.65 -1.40 -16.41
C LEU A 154 -23.27 -2.54 -15.48
N ALA A 155 -22.35 -2.26 -14.53
CA ALA A 155 -22.05 -3.27 -13.52
C ALA A 155 -23.25 -3.39 -12.55
N PHE A 156 -24.00 -2.29 -12.35
CA PHE A 156 -25.18 -2.27 -11.47
C PHE A 156 -26.40 -1.91 -12.31
N PRO A 157 -27.00 -2.94 -12.92
CA PRO A 157 -28.16 -2.68 -13.78
C PRO A 157 -29.48 -2.49 -13.01
N GLU A 158 -29.67 -3.19 -11.87
CA GLU A 158 -30.90 -3.10 -11.05
C GLU A 158 -31.59 -1.70 -11.01
N GLU A 159 -32.94 -1.72 -10.96
CA GLU A 159 -33.89 -0.59 -11.01
C GLU A 159 -33.52 0.65 -10.13
N ASN A 160 -33.59 0.54 -8.80
CA ASN A 160 -33.26 1.66 -7.91
C ASN A 160 -32.15 1.13 -7.04
N ASN A 161 -31.05 0.74 -7.68
CA ASN A 161 -29.97 0.08 -6.97
C ASN A 161 -29.20 1.02 -6.07
N ARG A 162 -28.61 0.44 -5.05
CA ARG A 162 -27.84 1.07 -3.98
C ARG A 162 -26.77 2.02 -4.48
N SER A 163 -26.17 1.71 -5.65
CA SER A 163 -25.07 2.54 -6.16
C SER A 163 -25.44 3.97 -6.49
N LEU A 164 -26.75 4.27 -6.67
CA LEU A 164 -27.22 5.64 -7.00
C LEU A 164 -27.98 6.32 -5.84
N LYS A 165 -28.08 5.66 -4.70
CA LYS A 165 -28.83 6.19 -3.56
C LYS A 165 -28.21 7.45 -2.99
N LYS A 166 -29.04 8.41 -2.60
CA LYS A 166 -28.58 9.66 -1.98
C LYS A 166 -28.12 9.34 -0.55
N ILE A 167 -27.02 9.97 -0.10
CA ILE A 167 -26.52 9.74 1.26
C ILE A 167 -26.75 10.98 2.11
N PRO A 168 -27.36 10.81 3.29
CA PRO A 168 -27.62 11.98 4.14
C PRO A 168 -26.40 12.41 4.96
N LYS A 169 -26.47 13.57 5.60
CA LYS A 169 -25.36 14.07 6.41
C LYS A 169 -25.53 13.65 7.87
N LEU A 170 -24.49 13.00 8.42
CA LEU A 170 -24.48 12.55 9.80
C LEU A 170 -24.69 13.76 10.74
N GLU A 171 -25.52 13.59 11.77
CA GLU A 171 -25.82 14.64 12.75
C GLU A 171 -24.93 14.47 13.99
N ASP A 172 -24.44 15.57 14.58
CA ASP A 172 -23.65 15.49 15.81
C ASP A 172 -24.64 15.26 16.99
N PRO A 173 -24.28 14.45 18.01
CA PRO A 173 -23.01 13.72 18.17
C PRO A 173 -22.98 12.38 17.40
N ALA A 174 -21.80 12.06 16.88
CA ALA A 174 -21.59 10.76 16.24
C ALA A 174 -21.54 9.65 17.32
N GLN A 175 -21.90 8.42 16.93
CA GLN A 175 -21.80 7.31 17.86
C GLN A 175 -20.33 6.93 18.11
N TYR A 176 -19.54 6.92 17.03
CA TYR A 176 -18.12 6.56 17.08
C TYR A 176 -17.27 7.60 16.32
N SER A 177 -15.99 7.71 16.69
CA SER A 177 -15.10 8.64 16.00
C SER A 177 -13.66 8.22 16.09
N MET A 178 -12.84 8.63 15.10
CA MET A 178 -11.40 8.48 15.13
C MET A 178 -10.92 9.87 14.70
N ILE A 179 -10.27 10.57 15.59
CA ILE A 179 -9.84 11.96 15.45
C ILE A 179 -8.39 12.12 15.05
N GLY A 180 -8.05 13.20 14.34
CA GLY A 180 -6.66 13.53 14.10
C GLY A 180 -5.91 12.72 13.08
N LEU A 181 -6.64 12.17 12.09
CA LEU A 181 -6.04 11.41 10.99
C LEU A 181 -5.31 12.35 10.04
N LYS A 182 -4.11 11.95 9.59
CA LYS A 182 -3.38 12.78 8.65
C LYS A 182 -2.61 11.93 7.65
N PRO A 183 -2.54 12.40 6.41
CA PRO A 183 -1.85 11.60 5.39
C PRO A 183 -0.34 11.66 5.54
N ARG A 184 0.34 10.56 5.23
CA ARG A 184 1.80 10.54 5.15
C ARG A 184 2.16 10.41 3.65
N ARG A 185 3.46 10.46 3.27
CA ARG A 185 3.80 10.42 1.85
C ARG A 185 3.28 9.20 1.13
N ALA A 186 3.19 8.06 1.82
CA ALA A 186 2.67 6.84 1.16
C ALA A 186 1.19 6.96 0.75
N ASP A 187 0.45 7.92 1.36
CA ASP A 187 -0.95 8.17 1.02
C ASP A 187 -1.11 9.10 -0.18
N LEU A 188 -0.02 9.64 -0.72
CA LEU A 188 -0.11 10.54 -1.87
C LEU A 188 0.14 9.80 -3.18
N ASP A 189 -0.48 10.30 -4.28
CA ASP A 189 -0.25 9.73 -5.60
C ASP A 189 0.98 10.45 -6.23
N MET A 190 1.35 10.09 -7.47
CA MET A 190 2.52 10.67 -8.12
C MET A 190 2.36 12.20 -8.32
N ASN A 191 1.14 12.74 -8.30
CA ASN A 191 0.94 14.19 -8.44
C ASN A 191 0.80 14.92 -7.07
N GLN A 192 1.11 14.20 -5.96
CA GLN A 192 1.10 14.72 -4.59
C GLN A 192 -0.31 15.10 -4.08
N HIS A 193 -1.34 14.49 -4.65
CA HIS A 193 -2.71 14.59 -4.15
C HIS A 193 -2.95 13.34 -3.30
N VAL A 194 -3.84 13.43 -2.29
CA VAL A 194 -4.16 12.24 -1.48
C VAL A 194 -4.86 11.19 -2.37
N ASN A 195 -4.37 9.96 -2.33
CA ASN A 195 -4.93 8.86 -3.11
C ASN A 195 -6.40 8.61 -2.69
N ASN A 196 -7.31 8.36 -3.65
CA ASN A 196 -8.74 8.12 -3.32
C ASN A 196 -8.95 7.00 -2.30
N VAL A 197 -8.08 6.00 -2.33
CA VAL A 197 -8.24 4.85 -1.44
C VAL A 197 -7.99 5.21 0.03
N THR A 198 -7.13 6.22 0.29
CA THR A 198 -6.87 6.67 1.67
C THR A 198 -8.18 7.07 2.38
N TYR A 199 -9.10 7.72 1.63
CA TYR A 199 -10.37 8.17 2.25
C TYR A 199 -11.22 6.96 2.66
N ILE A 200 -11.16 5.83 1.88
CA ILE A 200 -11.88 4.62 2.30
C ILE A 200 -11.28 4.12 3.66
N GLY A 201 -9.95 4.10 3.76
CA GLY A 201 -9.31 3.71 5.01
C GLY A 201 -9.72 4.59 6.19
N TRP A 202 -9.73 5.90 5.94
CA TRP A 202 -10.14 6.84 7.02
C TRP A 202 -11.60 6.66 7.42
N VAL A 203 -12.49 6.36 6.48
CA VAL A 203 -13.92 6.12 6.83
C VAL A 203 -13.99 4.91 7.78
N LEU A 204 -13.27 3.82 7.40
CA LEU A 204 -13.33 2.56 8.15
C LEU A 204 -12.67 2.67 9.53
N GLU A 205 -11.76 3.64 9.75
CA GLU A 205 -11.11 3.77 11.05
C GLU A 205 -12.07 3.97 12.22
N SER A 206 -13.26 4.57 11.96
CA SER A 206 -14.22 4.79 13.05
C SER A 206 -15.24 3.66 13.21
N ILE A 207 -15.08 2.54 12.49
CA ILE A 207 -15.94 1.38 12.69
C ILE A 207 -15.28 0.65 13.87
N PRO A 208 -16.06 0.23 14.87
CA PRO A 208 -15.45 -0.45 16.04
C PRO A 208 -14.73 -1.75 15.61
N GLN A 209 -13.62 -2.08 16.27
CA GLN A 209 -12.88 -3.31 15.93
C GLN A 209 -13.75 -4.57 16.08
N GLU A 210 -14.76 -4.57 17.01
CA GLU A 210 -15.66 -5.72 17.22
C GLU A 210 -16.51 -6.03 15.99
N ILE A 211 -16.92 -4.97 15.25
CA ILE A 211 -17.66 -5.20 14.00
C ILE A 211 -16.74 -5.83 12.99
N VAL A 212 -15.52 -5.27 12.85
CA VAL A 212 -14.55 -5.81 11.88
C VAL A 212 -14.23 -7.29 12.18
N ASP A 213 -14.11 -7.63 13.47
CA ASP A 213 -13.82 -9.01 13.87
C ASP A 213 -14.97 -10.00 13.67
N THR A 214 -16.22 -9.54 13.72
CA THR A 214 -17.38 -10.45 13.62
C THR A 214 -18.16 -10.37 12.32
N HIS A 215 -17.86 -9.38 11.47
CA HIS A 215 -18.60 -9.18 10.23
C HIS A 215 -17.67 -9.06 9.02
N GLU A 216 -18.24 -9.25 7.83
CA GLU A 216 -17.54 -9.00 6.58
C GLU A 216 -18.20 -7.74 5.95
N LEU A 217 -17.42 -6.82 5.40
CA LEU A 217 -17.98 -5.68 4.67
C LEU A 217 -18.52 -6.16 3.32
N GLN A 218 -19.82 -5.89 3.02
CA GLN A 218 -20.46 -6.33 1.79
C GLN A 218 -20.53 -5.15 0.80
N VAL A 219 -20.96 -3.96 1.28
CA VAL A 219 -21.13 -2.81 0.37
C VAL A 219 -20.55 -1.57 1.01
N ILE A 220 -19.82 -0.75 0.20
CA ILE A 220 -19.39 0.56 0.66
C ILE A 220 -19.75 1.58 -0.45
N THR A 221 -20.37 2.71 -0.07
CA THR A 221 -20.68 3.77 -1.04
C THR A 221 -20.06 5.03 -0.46
N LEU A 222 -19.23 5.71 -1.25
CA LEU A 222 -18.53 6.87 -0.74
C LEU A 222 -18.63 8.03 -1.69
N ASP A 223 -19.21 9.17 -1.26
CA ASP A 223 -19.25 10.40 -2.01
C ASP A 223 -17.96 11.20 -1.66
N TYR A 224 -17.39 11.89 -2.64
CA TYR A 224 -16.22 12.71 -2.48
C TYR A 224 -16.69 14.16 -2.80
N ARG A 225 -16.40 15.11 -1.91
CA ARG A 225 -16.92 16.48 -2.08
C ARG A 225 -15.81 17.52 -2.17
N ARG A 226 -14.74 17.32 -1.42
CA ARG A 226 -13.59 18.22 -1.36
C ARG A 226 -12.35 17.38 -1.07
N GLU A 227 -11.19 17.75 -1.62
CA GLU A 227 -9.97 16.98 -1.39
C GLU A 227 -9.33 17.34 -0.05
N CYS A 228 -8.73 16.36 0.62
CA CYS A 228 -7.93 16.59 1.81
C CYS A 228 -6.56 17.02 1.24
N GLN A 229 -5.99 18.14 1.74
CA GLN A 229 -4.65 18.54 1.28
C GLN A 229 -3.58 17.83 2.12
N GLN A 230 -2.31 17.83 1.65
CA GLN A 230 -1.21 17.16 2.36
C GLN A 230 -1.01 17.64 3.81
N ASP A 231 -1.35 18.91 4.10
CA ASP A 231 -1.21 19.47 5.44
C ASP A 231 -2.53 19.49 6.27
N ASP A 232 -3.61 18.88 5.75
CA ASP A 232 -4.89 18.86 6.46
C ASP A 232 -4.92 17.70 7.49
N VAL A 233 -5.84 17.80 8.46
CA VAL A 233 -6.08 16.80 9.53
C VAL A 233 -7.58 16.48 9.48
N VAL A 234 -7.92 15.18 9.54
CA VAL A 234 -9.30 14.76 9.30
C VAL A 234 -9.87 14.01 10.50
N ASP A 235 -11.17 14.22 10.75
CA ASP A 235 -11.89 13.44 11.77
C ASP A 235 -12.86 12.53 10.98
N SER A 236 -12.96 11.28 11.41
CA SER A 236 -13.80 10.24 10.81
C SER A 236 -14.93 9.94 11.83
N LEU A 237 -16.17 10.10 11.42
CA LEU A 237 -17.33 9.94 12.28
C LEU A 237 -18.24 8.83 11.73
N THR A 238 -18.84 8.02 12.62
CA THR A 238 -19.70 6.91 12.20
C THR A 238 -20.88 6.77 13.20
N THR A 239 -22.08 6.49 12.66
CA THR A 239 -23.26 6.21 13.50
C THR A 239 -23.97 4.98 12.91
N THR A 240 -24.38 4.03 13.75
CA THR A 240 -25.12 2.86 13.28
C THR A 240 -26.52 3.30 12.83
N THR A 241 -26.98 2.82 11.68
CA THR A 241 -28.33 3.15 11.21
C THR A 241 -29.25 1.91 11.17
N SER A 242 -28.69 0.69 11.35
CA SER A 242 -29.54 -0.50 11.36
C SER A 242 -30.17 -0.67 12.75
N ASN A 259 -29.48 -9.82 10.70
CA ASN A 259 -28.10 -10.29 10.56
C ASN A 259 -27.17 -9.31 9.82
N ASP A 260 -27.68 -8.10 9.46
CA ASP A 260 -26.87 -7.09 8.79
C ASP A 260 -26.71 -5.86 9.67
N SER A 261 -25.55 -5.22 9.59
CA SER A 261 -25.27 -3.99 10.33
C SER A 261 -25.00 -2.89 9.30
N GLN A 262 -25.60 -1.69 9.44
CA GLN A 262 -25.40 -0.61 8.48
C GLN A 262 -24.94 0.63 9.20
N PHE A 263 -24.02 1.39 8.59
CA PHE A 263 -23.50 2.60 9.20
C PHE A 263 -23.59 3.77 8.25
N LEU A 264 -23.63 4.98 8.84
CA LEU A 264 -23.58 6.25 8.11
C LEU A 264 -22.24 6.89 8.52
N HIS A 265 -21.49 7.42 7.53
CA HIS A 265 -20.15 7.94 7.75
C HIS A 265 -20.00 9.39 7.32
N LEU A 266 -19.08 10.11 8.00
CA LEU A 266 -18.75 11.45 7.59
C LEU A 266 -17.24 11.70 7.87
N LEU A 267 -16.50 12.26 6.88
CA LEU A 267 -15.13 12.74 7.09
C LEU A 267 -15.20 14.25 6.99
N ARG A 268 -14.60 14.93 7.95
CA ARG A 268 -14.56 16.40 7.91
C ARG A 268 -13.20 16.88 8.43
N LEU A 269 -12.82 18.10 8.03
CA LEU A 269 -11.53 18.63 8.46
C LEU A 269 -11.60 18.94 9.97
N SER A 270 -10.56 18.60 10.67
CA SER A 270 -10.49 18.76 12.13
C SER A 270 -10.58 20.24 12.55
N GLY A 271 -10.00 21.12 11.73
CA GLY A 271 -9.84 22.55 12.00
C GLY A 271 -10.94 23.55 11.67
N ASP A 272 -11.99 23.13 11.03
CA ASP A 272 -13.17 23.99 10.79
C ASP A 272 -14.46 23.16 10.58
N GLY A 273 -14.33 21.84 10.48
CA GLY A 273 -15.49 20.96 10.31
C GLY A 273 -16.01 20.88 8.88
N GLN A 274 -15.23 21.38 7.91
CA GLN A 274 -15.63 21.33 6.50
C GLN A 274 -15.76 19.87 6.05
N GLU A 275 -16.93 19.48 5.51
CA GLU A 275 -17.09 18.12 4.99
C GLU A 275 -16.15 17.82 3.79
N ILE A 276 -15.50 16.62 3.80
CA ILE A 276 -14.73 16.20 2.63
C ILE A 276 -15.39 14.96 1.99
N ASN A 277 -16.04 14.09 2.80
CA ASN A 277 -16.70 12.89 2.23
C ASN A 277 -17.89 12.49 3.09
N ARG A 278 -18.84 11.76 2.51
CA ARG A 278 -19.87 11.12 3.31
C ARG A 278 -20.09 9.72 2.70
N GLY A 279 -20.57 8.77 3.49
CA GLY A 279 -20.76 7.42 2.93
C GLY A 279 -21.56 6.50 3.80
N THR A 280 -21.83 5.31 3.28
CA THR A 280 -22.52 4.28 4.04
C THR A 280 -21.80 2.95 3.84
N THR A 281 -21.89 2.06 4.83
CA THR A 281 -21.35 0.71 4.69
C THR A 281 -22.40 -0.30 5.18
N LEU A 282 -22.41 -1.49 4.56
CA LEU A 282 -23.31 -2.58 4.93
C LEU A 282 -22.43 -3.79 5.25
N TRP A 283 -22.67 -4.43 6.41
CA TRP A 283 -21.82 -5.52 6.85
C TRP A 283 -22.68 -6.74 7.16
N ARG A 284 -22.17 -7.93 6.84
CA ARG A 284 -22.90 -9.16 7.15
C ARG A 284 -22.15 -9.94 8.23
N LYS A 285 -22.87 -10.52 9.20
CA LYS A 285 -22.24 -11.31 10.26
C LYS A 285 -21.61 -12.55 9.65
N LYS A 286 -20.36 -12.86 10.03
CA LYS A 286 -19.65 -14.04 9.51
C LYS A 286 -20.40 -15.31 9.92
N GLY B 2 6.80 -16.43 -9.44
CA GLY B 2 8.07 -16.62 -8.74
C GLY B 2 8.41 -18.09 -8.57
N SER B 3 9.70 -18.38 -8.30
CA SER B 3 10.12 -19.77 -8.17
C SER B 3 11.43 -19.89 -7.45
N LEU B 4 11.65 -21.05 -6.82
CA LEU B 4 12.99 -21.38 -6.32
C LEU B 4 13.92 -21.53 -7.56
N THR B 5 15.19 -21.19 -7.39
CA THR B 5 16.18 -21.40 -8.45
C THR B 5 16.47 -22.90 -8.61
N GLU B 6 17.19 -23.28 -9.69
CA GLU B 6 17.52 -24.65 -9.97
C GLU B 6 18.11 -25.43 -8.75
N ASP B 7 19.03 -24.82 -8.00
CA ASP B 7 19.65 -25.48 -6.86
C ASP B 7 18.77 -25.48 -5.58
N GLY B 8 17.65 -24.78 -5.61
CA GLY B 8 16.72 -24.72 -4.50
C GLY B 8 17.18 -23.93 -3.29
N LEU B 9 18.27 -23.14 -3.45
CA LEU B 9 18.85 -22.36 -2.33
C LEU B 9 18.55 -20.84 -2.39
N SER B 10 17.79 -20.39 -3.40
CA SER B 10 17.35 -19.01 -3.43
C SER B 10 16.03 -18.93 -4.22
N TYR B 11 15.39 -17.76 -4.22
CA TYR B 11 14.08 -17.63 -4.84
C TYR B 11 14.04 -16.35 -5.65
N LYS B 12 13.39 -16.37 -6.82
CA LYS B 12 13.31 -15.18 -7.66
C LYS B 12 11.86 -14.87 -8.02
N GLU B 13 11.53 -13.58 -8.09
CA GLU B 13 10.19 -13.16 -8.48
C GLU B 13 10.26 -11.84 -9.22
N LYS B 14 9.41 -11.69 -10.23
CA LYS B 14 9.33 -10.45 -11.00
C LYS B 14 8.05 -9.66 -10.59
N PHE B 15 8.16 -8.32 -10.53
CA PHE B 15 7.03 -7.45 -10.18
C PHE B 15 6.93 -6.33 -11.19
N VAL B 16 5.69 -6.01 -11.60
CA VAL B 16 5.46 -4.87 -12.48
C VAL B 16 5.08 -3.70 -11.56
N VAL B 17 5.86 -2.61 -11.59
CA VAL B 17 5.59 -1.45 -10.71
C VAL B 17 4.22 -0.79 -11.01
N ARG B 18 3.37 -0.69 -9.96
CA ARG B 18 2.01 -0.14 -10.10
C ARG B 18 1.93 1.37 -10.03
N SER B 19 0.82 1.93 -10.57
CA SER B 19 0.59 3.36 -10.58
C SER B 19 0.65 3.97 -9.18
N TYR B 20 0.03 3.30 -8.19
CA TYR B 20 -0.03 3.89 -6.84
C TYR B 20 1.24 3.66 -5.99
N GLU B 21 2.20 2.89 -6.54
CA GLU B 21 3.44 2.54 -5.86
C GLU B 21 4.57 3.56 -6.10
N VAL B 22 4.36 4.56 -6.98
CA VAL B 22 5.39 5.49 -7.36
C VAL B 22 5.21 6.85 -6.74
N GLY B 23 6.32 7.58 -6.62
CA GLY B 23 6.30 8.94 -6.10
C GLY B 23 6.31 10.00 -7.18
N SER B 24 6.69 11.26 -6.84
CA SER B 24 6.65 12.38 -7.79
C SER B 24 7.53 12.22 -9.06
N ASN B 25 8.63 11.45 -8.99
CA ASN B 25 9.47 11.22 -10.19
C ASN B 25 9.01 10.00 -11.01
N LYS B 26 7.80 9.49 -10.74
CA LYS B 26 7.24 8.34 -11.42
C LYS B 26 8.09 7.09 -11.25
N THR B 27 8.86 6.98 -10.14
CA THR B 27 9.60 5.75 -9.84
C THR B 27 9.11 5.21 -8.47
N ALA B 28 9.35 3.92 -8.21
CA ALA B 28 8.90 3.27 -6.98
C ALA B 28 9.47 3.94 -5.74
N THR B 29 8.64 4.15 -4.70
CA THR B 29 9.16 4.72 -3.45
C THR B 29 10.00 3.67 -2.74
N VAL B 30 10.80 4.09 -1.71
CA VAL B 30 11.55 3.07 -0.97
C VAL B 30 10.56 2.17 -0.14
N GLU B 31 9.33 2.69 0.22
CA GLU B 31 8.37 1.83 0.92
C GLU B 31 7.82 0.77 -0.05
N THR B 32 7.62 1.15 -1.34
CA THR B 32 7.22 0.12 -2.33
C THR B 32 8.32 -0.98 -2.43
N ILE B 33 9.60 -0.56 -2.53
CA ILE B 33 10.71 -1.53 -2.59
C ILE B 33 10.68 -2.44 -1.36
N ALA B 34 10.56 -1.84 -0.15
CA ALA B 34 10.53 -2.65 1.08
C ALA B 34 9.33 -3.64 1.11
N ASN B 35 8.15 -3.22 0.58
CA ASN B 35 6.99 -4.13 0.51
C ASN B 35 7.30 -5.31 -0.46
N LEU B 36 7.94 -5.00 -1.60
CA LEU B 36 8.29 -6.08 -2.57
C LEU B 36 9.32 -7.05 -1.94
N LEU B 37 10.30 -6.50 -1.17
CA LEU B 37 11.28 -7.37 -0.50
C LEU B 37 10.55 -8.30 0.49
N GLN B 38 9.56 -7.76 1.25
CA GLN B 38 8.82 -8.62 2.16
C GLN B 38 7.98 -9.67 1.44
N GLU B 39 7.36 -9.28 0.31
CA GLU B 39 6.51 -10.21 -0.45
C GLU B 39 7.36 -11.38 -1.01
N VAL B 40 8.52 -11.07 -1.63
CA VAL B 40 9.35 -12.16 -2.16
C VAL B 40 9.90 -13.04 -1.00
N GLY B 41 10.18 -12.42 0.17
CA GLY B 41 10.61 -13.19 1.33
C GLY B 41 9.53 -14.16 1.79
N CYS B 42 8.26 -13.72 1.77
CA CYS B 42 7.13 -14.56 2.15
C CYS B 42 6.95 -15.71 1.14
N ASN B 43 7.07 -15.40 -0.17
CA ASN B 43 6.88 -16.45 -1.20
C ASN B 43 7.99 -17.50 -1.09
N HIS B 44 9.21 -17.05 -0.75
CA HIS B 44 10.33 -17.98 -0.58
C HIS B 44 10.04 -18.89 0.63
N ALA B 45 9.62 -18.30 1.77
CA ALA B 45 9.32 -19.09 2.99
C ALA B 45 8.21 -20.14 2.69
N GLN B 46 7.16 -19.78 1.94
CA GLN B 46 6.10 -20.73 1.58
C GLN B 46 6.66 -21.87 0.74
N SER B 47 7.55 -21.53 -0.21
CA SER B 47 8.13 -22.52 -1.12
C SER B 47 9.02 -23.56 -0.43
N VAL B 48 9.62 -23.19 0.72
CA VAL B 48 10.48 -24.15 1.42
C VAL B 48 9.80 -24.75 2.69
N GLY B 49 8.47 -24.71 2.74
CA GLY B 49 7.72 -25.37 3.81
C GLY B 49 7.41 -24.66 5.11
N PHE B 50 7.53 -23.33 5.17
CA PHE B 50 7.21 -22.59 6.41
C PHE B 50 5.71 -22.47 6.65
N SER B 51 5.33 -22.07 7.89
CA SER B 51 3.94 -21.82 8.29
C SER B 51 3.26 -20.83 7.34
N THR B 52 1.99 -21.07 7.02
CA THR B 52 1.23 -20.14 6.17
C THR B 52 0.21 -19.32 6.99
N ASP B 53 0.53 -19.05 8.27
CA ASP B 53 -0.36 -18.31 9.16
C ASP B 53 0.06 -16.84 9.38
N GLY B 54 1.09 -16.38 8.69
CA GLY B 54 1.59 -15.02 8.84
C GLY B 54 2.83 -14.89 9.70
N PHE B 55 3.13 -15.94 10.49
CA PHE B 55 4.30 -15.91 11.39
C PHE B 55 5.56 -16.50 10.79
N ALA B 56 5.48 -17.19 9.63
CA ALA B 56 6.65 -17.80 8.96
C ALA B 56 7.57 -18.57 9.94
N THR B 57 7.03 -19.53 10.65
CA THR B 57 7.78 -20.31 11.64
C THR B 57 8.10 -21.71 11.12
N THR B 58 9.15 -22.34 11.67
CA THR B 58 9.47 -23.73 11.37
C THR B 58 8.66 -24.63 12.34
N THR B 59 8.72 -25.95 12.13
CA THR B 59 8.05 -26.91 12.97
C THR B 59 8.57 -26.87 14.42
N THR B 60 9.89 -26.76 14.61
CA THR B 60 10.47 -26.67 15.96
C THR B 60 10.01 -25.35 16.63
N MET B 61 10.01 -24.24 15.84
CA MET B 61 9.56 -22.96 16.40
C MET B 61 8.10 -23.02 16.92
N ARG B 62 7.19 -23.67 16.17
CA ARG B 62 5.79 -23.76 16.61
C ARG B 62 5.65 -24.52 17.93
N LYS B 63 6.36 -25.65 18.04
CA LYS B 63 6.36 -26.50 19.23
C LYS B 63 6.83 -25.72 20.47
N LEU B 64 7.82 -24.85 20.29
CA LEU B 64 8.38 -24.04 21.37
C LEU B 64 7.80 -22.61 21.50
N HIS B 65 6.76 -22.26 20.74
CA HIS B 65 6.11 -20.94 20.78
C HIS B 65 7.13 -19.82 20.48
N LEU B 66 7.94 -20.01 19.43
CA LEU B 66 8.95 -19.03 19.03
C LEU B 66 8.59 -18.35 17.73
N ILE B 67 9.03 -17.07 17.58
CA ILE B 67 8.87 -16.31 16.35
C ILE B 67 10.18 -15.52 16.06
N TRP B 68 10.34 -15.08 14.82
CA TRP B 68 11.45 -14.20 14.47
C TRP B 68 10.95 -12.77 14.56
N VAL B 69 11.80 -11.85 15.05
CA VAL B 69 11.51 -10.43 15.02
C VAL B 69 12.66 -9.71 14.29
N THR B 70 12.32 -8.64 13.52
CA THR B 70 13.35 -7.92 12.79
C THR B 70 14.19 -7.12 13.77
N ALA B 71 15.50 -7.14 13.57
CA ALA B 71 16.41 -6.31 14.35
C ALA B 71 16.94 -5.15 13.49
N ARG B 72 17.15 -5.40 12.18
CA ARG B 72 17.67 -4.34 11.31
C ARG B 72 17.26 -4.60 9.88
N MET B 73 16.97 -3.52 9.15
CA MET B 73 16.79 -3.54 7.73
C MET B 73 17.80 -2.56 7.11
N HIS B 74 18.49 -2.95 6.02
CA HIS B 74 19.43 -2.04 5.35
C HIS B 74 19.20 -2.17 3.86
N ILE B 75 18.90 -1.05 3.21
CA ILE B 75 18.61 -1.05 1.78
C ILE B 75 19.46 -0.03 1.06
N GLU B 76 20.06 -0.43 -0.08
N GLU B 76 20.07 -0.42 -0.09
N GLU B 76 20.06 -0.43 -0.08
CA GLU B 76 20.82 0.47 -0.95
CA GLU B 76 20.86 0.46 -0.93
CA GLU B 76 20.82 0.47 -0.95
C GLU B 76 20.21 0.40 -2.35
C GLU B 76 20.30 0.41 -2.37
C GLU B 76 20.21 0.40 -2.34
N ILE B 77 19.78 1.54 -2.89
CA ILE B 77 19.19 1.57 -4.22
C ILE B 77 20.05 2.42 -5.13
N TYR B 78 20.42 1.87 -6.30
CA TYR B 78 21.17 2.61 -7.31
C TYR B 78 20.18 3.27 -8.29
N LYS B 79 19.10 2.57 -8.65
CA LYS B 79 18.08 3.14 -9.55
C LYS B 79 16.71 2.62 -9.12
N TYR B 80 15.73 3.52 -8.92
CA TYR B 80 14.37 3.07 -8.59
C TYR B 80 13.65 2.75 -9.88
N PRO B 81 12.95 1.60 -9.95
CA PRO B 81 12.26 1.26 -11.21
C PRO B 81 11.08 2.19 -11.46
N ALA B 82 10.84 2.50 -12.73
CA ALA B 82 9.75 3.41 -13.10
C ALA B 82 8.41 2.66 -13.11
N TRP B 83 7.31 3.42 -13.04
CA TRP B 83 5.93 2.94 -13.19
C TRP B 83 5.83 2.05 -14.49
N GLY B 84 5.35 0.81 -14.36
CA GLY B 84 5.23 -0.08 -15.52
C GLY B 84 6.46 -0.93 -15.80
N ASP B 85 7.62 -0.57 -15.20
CA ASP B 85 8.85 -1.38 -15.37
C ASP B 85 8.71 -2.72 -14.61
N VAL B 86 9.51 -3.71 -15.02
CA VAL B 86 9.52 -5.01 -14.34
C VAL B 86 10.84 -5.10 -13.57
N VAL B 87 10.75 -5.38 -12.27
CA VAL B 87 11.94 -5.55 -11.44
C VAL B 87 12.03 -7.03 -11.00
N GLU B 88 13.21 -7.65 -11.09
CA GLU B 88 13.37 -9.03 -10.63
C GLU B 88 14.11 -8.98 -9.31
N ILE B 89 13.60 -9.66 -8.29
CA ILE B 89 14.26 -9.68 -6.99
C ILE B 89 14.61 -11.12 -6.64
N GLU B 90 15.86 -11.35 -6.23
CA GLU B 90 16.35 -12.67 -5.81
C GLU B 90 16.60 -12.57 -4.30
N THR B 91 16.13 -13.57 -3.55
CA THR B 91 16.33 -13.56 -2.10
C THR B 91 16.82 -14.93 -1.59
N TRP B 92 17.51 -14.88 -0.48
CA TRP B 92 18.00 -16.12 0.18
C TRP B 92 18.22 -15.82 1.64
N CYS B 93 18.36 -16.89 2.45
CA CYS B 93 18.58 -16.72 3.88
C CYS B 93 19.91 -17.37 4.28
N GLN B 94 20.37 -17.03 5.50
CA GLN B 94 21.55 -17.67 6.06
C GLN B 94 21.43 -17.68 7.57
N SER B 95 21.91 -18.75 8.21
CA SER B 95 21.97 -18.81 9.67
C SER B 95 23.24 -18.09 10.10
N GLU B 96 23.20 -17.37 11.25
CA GLU B 96 24.41 -16.75 11.78
C GLU B 96 24.66 -17.35 13.18
N GLY B 97 24.93 -18.66 13.19
CA GLY B 97 25.14 -19.46 14.39
C GLY B 97 23.97 -19.36 15.36
N ARG B 98 24.26 -19.07 16.61
CA ARG B 98 23.21 -18.90 17.62
C ARG B 98 22.68 -17.47 17.70
N ILE B 99 23.30 -16.48 16.99
CA ILE B 99 22.89 -15.08 17.07
C ILE B 99 21.47 -14.86 16.53
N GLY B 100 21.24 -15.34 15.32
CA GLY B 100 19.99 -15.13 14.61
C GLY B 100 20.14 -15.56 13.17
N THR B 101 19.31 -15.00 12.29
CA THR B 101 19.36 -15.34 10.88
C THR B 101 19.37 -14.03 10.05
N ARG B 102 19.74 -14.17 8.78
CA ARG B 102 19.78 -13.04 7.89
C ARG B 102 18.99 -13.39 6.63
N ARG B 103 18.30 -12.39 6.04
CA ARG B 103 17.67 -12.56 4.73
C ARG B 103 18.29 -11.45 3.88
N ASP B 104 18.80 -11.85 2.69
CA ASP B 104 19.42 -10.91 1.76
C ASP B 104 18.65 -10.86 0.43
N TRP B 105 18.77 -9.73 -0.24
CA TRP B 105 18.09 -9.55 -1.54
C TRP B 105 18.96 -8.79 -2.53
N ILE B 106 18.82 -9.15 -3.85
CA ILE B 106 19.41 -8.42 -4.95
C ILE B 106 18.31 -8.01 -5.91
N LEU B 107 18.26 -6.74 -6.31
CA LEU B 107 17.22 -6.27 -7.24
C LEU B 107 17.87 -6.00 -8.58
N LYS B 108 17.21 -6.42 -9.67
CA LYS B 108 17.70 -6.23 -11.04
C LYS B 108 16.64 -5.65 -11.97
N ASP B 109 17.09 -4.95 -13.00
CA ASP B 109 16.21 -4.45 -14.05
C ASP B 109 16.02 -5.68 -14.93
N SER B 110 14.79 -6.15 -15.06
CA SER B 110 14.53 -7.38 -15.83
C SER B 110 14.95 -7.31 -17.30
N VAL B 111 14.87 -6.12 -17.91
CA VAL B 111 15.22 -5.95 -19.33
C VAL B 111 16.73 -5.95 -19.53
N THR B 112 17.45 -5.16 -18.72
CA THR B 112 18.91 -5.05 -18.90
C THR B 112 19.72 -6.10 -18.14
N GLY B 113 19.18 -6.61 -17.04
CA GLY B 113 19.89 -7.55 -16.19
C GLY B 113 20.83 -6.87 -15.20
N GLU B 114 20.89 -5.51 -15.22
CA GLU B 114 21.76 -4.73 -14.33
C GLU B 114 21.24 -4.79 -12.88
N VAL B 115 22.16 -4.81 -11.93
CA VAL B 115 21.79 -4.72 -10.51
C VAL B 115 21.41 -3.28 -10.19
N THR B 116 20.18 -3.07 -9.71
CA THR B 116 19.68 -1.74 -9.40
C THR B 116 19.57 -1.47 -7.89
N GLY B 117 19.78 -2.50 -7.07
CA GLY B 117 19.72 -2.35 -5.62
C GLY B 117 20.03 -3.63 -4.89
N ARG B 118 20.28 -3.52 -3.59
N ARG B 118 20.28 -3.52 -3.59
N ARG B 118 20.28 -3.51 -3.58
CA ARG B 118 20.55 -4.67 -2.72
CA ARG B 118 20.54 -4.66 -2.73
CA ARG B 118 20.57 -4.64 -2.72
C ARG B 118 20.08 -4.38 -1.31
C ARG B 118 20.08 -4.39 -1.32
C ARG B 118 20.06 -4.37 -1.32
N ALA B 119 19.76 -5.44 -0.57
CA ALA B 119 19.26 -5.26 0.80
C ALA B 119 19.63 -6.42 1.68
N THR B 120 19.64 -6.16 3.01
CA THR B 120 19.96 -7.21 3.96
C THR B 120 19.17 -6.91 5.24
N SER B 121 18.78 -7.97 5.95
CA SER B 121 18.00 -7.82 7.17
C SER B 121 18.47 -8.84 8.19
N LYS B 122 18.48 -8.45 9.48
CA LYS B 122 18.88 -9.35 10.57
C LYS B 122 17.65 -9.63 11.45
N TRP B 123 17.48 -10.90 11.84
CA TRP B 123 16.33 -11.35 12.59
C TRP B 123 16.82 -12.08 13.85
N VAL B 124 16.11 -11.88 14.96
CA VAL B 124 16.44 -12.53 16.22
C VAL B 124 15.25 -13.34 16.73
N MET B 125 15.52 -14.42 17.46
CA MET B 125 14.45 -15.30 17.98
C MET B 125 13.81 -14.71 19.23
N MET B 126 12.48 -14.89 19.37
CA MET B 126 11.78 -14.38 20.54
C MET B 126 10.70 -15.39 20.93
N ASN B 127 10.41 -15.50 22.24
CA ASN B 127 9.28 -16.31 22.69
C ASN B 127 8.04 -15.45 22.39
N GLN B 128 7.05 -16.01 21.70
CA GLN B 128 5.85 -15.27 21.28
C GLN B 128 4.98 -14.77 22.46
N ASP B 129 5.00 -15.54 23.55
CA ASP B 129 4.18 -15.25 24.74
C ASP B 129 4.81 -14.21 25.68
N THR B 130 6.08 -14.42 26.08
CA THR B 130 6.79 -13.51 26.98
C THR B 130 7.44 -12.31 26.31
N ARG B 131 7.63 -12.37 24.98
CA ARG B 131 8.34 -11.35 24.21
C ARG B 131 9.83 -11.26 24.63
N ARG B 132 10.39 -12.36 25.21
CA ARG B 132 11.81 -12.40 25.59
C ARG B 132 12.66 -12.98 24.46
N LEU B 133 13.79 -12.30 24.17
CA LEU B 133 14.73 -12.78 23.15
C LEU B 133 15.43 -14.05 23.60
N GLN B 134 15.94 -14.82 22.63
CA GLN B 134 16.74 -16.01 22.94
C GLN B 134 17.65 -16.39 21.79
N LYS B 135 18.60 -17.29 22.07
CA LYS B 135 19.53 -17.77 21.04
C LYS B 135 18.81 -18.76 20.12
N VAL B 136 19.39 -19.02 18.95
CA VAL B 136 18.82 -19.98 18.01
C VAL B 136 19.28 -21.39 18.42
N SER B 137 18.33 -22.34 18.60
CA SER B 137 18.68 -23.70 19.03
C SER B 137 19.29 -24.57 17.92
N ASP B 138 19.95 -25.72 18.28
CA ASP B 138 20.48 -26.63 17.26
C ASP B 138 19.43 -27.13 16.29
N ASP B 139 18.21 -27.45 16.79
CA ASP B 139 17.16 -27.96 15.92
C ASP B 139 16.76 -26.91 14.87
N VAL B 140 16.71 -25.61 15.25
CA VAL B 140 16.37 -24.56 14.27
C VAL B 140 17.50 -24.35 13.26
N ARG B 141 18.76 -24.37 13.71
CA ARG B 141 19.91 -24.25 12.78
C ARG B 141 19.91 -25.41 11.79
N ASP B 142 19.52 -26.61 12.24
CA ASP B 142 19.44 -27.75 11.32
C ASP B 142 18.37 -27.55 10.28
N GLU B 143 17.23 -26.94 10.65
CA GLU B 143 16.15 -26.65 9.70
C GLU B 143 16.60 -25.65 8.64
N TYR B 144 17.42 -24.66 9.03
CA TYR B 144 17.92 -23.66 8.07
C TYR B 144 18.94 -24.26 7.11
N LEU B 145 19.75 -25.24 7.57
CA LEU B 145 20.69 -25.91 6.67
C LEU B 145 19.99 -26.56 5.45
N VAL B 146 18.71 -26.91 5.59
CA VAL B 146 17.99 -27.56 4.51
C VAL B 146 17.90 -26.64 3.27
N PHE B 147 17.62 -25.34 3.51
CA PHE B 147 17.32 -24.45 2.39
C PHE B 147 18.22 -23.23 2.25
N CYS B 148 19.32 -23.16 3.02
CA CYS B 148 20.26 -22.05 2.94
C CYS B 148 21.58 -22.51 2.36
N PRO B 149 22.27 -21.64 1.60
CA PRO B 149 23.61 -21.99 1.13
C PRO B 149 24.56 -22.20 2.30
N GLN B 150 25.42 -23.24 2.23
CA GLN B 150 26.30 -23.54 3.35
C GLN B 150 27.62 -22.73 3.31
N GLU B 151 28.05 -22.28 2.11
CA GLU B 151 29.19 -21.36 1.97
C GLU B 151 28.57 -19.94 2.10
N PRO B 152 29.29 -18.95 2.69
CA PRO B 152 28.67 -17.61 2.85
C PRO B 152 28.31 -16.97 1.52
N ARG B 153 27.13 -16.33 1.45
CA ARG B 153 26.64 -15.63 0.28
C ARG B 153 26.07 -14.33 0.84
N LEU B 154 26.77 -13.21 0.58
CA LEU B 154 26.32 -11.95 1.18
C LEU B 154 26.00 -10.90 0.13
N ALA B 155 24.88 -10.20 0.32
CA ALA B 155 24.56 -9.09 -0.57
C ALA B 155 25.55 -7.92 -0.33
N PHE B 156 26.07 -7.78 0.90
CA PHE B 156 27.09 -6.76 1.27
C PHE B 156 28.30 -7.52 1.85
N PRO B 157 29.17 -7.99 0.96
CA PRO B 157 30.27 -8.86 1.41
C PRO B 157 31.39 -8.18 2.19
N GLU B 158 31.81 -7.00 1.71
CA GLU B 158 32.89 -6.17 2.23
C GLU B 158 32.99 -6.09 3.77
N GLU B 159 34.22 -6.24 4.33
CA GLU B 159 34.42 -6.12 5.78
C GLU B 159 34.15 -4.65 6.20
N ASN B 160 33.59 -4.45 7.40
CA ASN B 160 33.23 -3.12 7.95
C ASN B 160 32.34 -2.27 7.01
N ASN B 161 31.39 -2.89 6.28
CA ASN B 161 30.52 -2.14 5.38
C ASN B 161 29.36 -1.42 6.12
N ARG B 162 28.69 -0.45 5.47
CA ARG B 162 27.61 0.37 6.05
C ARG B 162 26.50 -0.45 6.72
N SER B 163 26.20 -1.63 6.16
CA SER B 163 25.09 -2.43 6.66
C SER B 163 25.26 -2.95 8.07
N LEU B 164 26.51 -2.96 8.60
CA LEU B 164 26.80 -3.42 9.97
C LEU B 164 27.20 -2.28 10.94
N LYS B 165 27.19 -1.03 10.47
CA LYS B 165 27.61 0.10 11.28
C LYS B 165 26.68 0.35 12.47
N LYS B 166 27.27 0.71 13.61
CA LYS B 166 26.50 1.02 14.82
C LYS B 166 25.82 2.39 14.61
N ILE B 167 24.57 2.53 15.07
CA ILE B 167 23.84 3.81 14.92
C ILE B 167 23.69 4.46 16.30
N PRO B 168 24.09 5.73 16.42
CA PRO B 168 23.99 6.40 17.73
C PRO B 168 22.58 6.90 18.03
N LYS B 169 22.34 7.35 19.27
CA LYS B 169 21.02 7.86 19.64
C LYS B 169 20.96 9.37 19.46
N LEU B 170 19.96 9.84 18.71
CA LEU B 170 19.75 11.26 18.45
C LEU B 170 19.58 12.01 19.80
N GLU B 171 20.22 13.16 19.93
CA GLU B 171 20.14 13.98 21.15
C GLU B 171 19.06 15.08 20.97
N ASP B 172 18.30 15.37 22.02
CA ASP B 172 17.30 16.46 21.96
C ASP B 172 18.09 17.80 22.09
N PRO B 173 17.69 18.87 21.36
CA PRO B 173 16.53 18.95 20.45
C PRO B 173 16.86 18.42 19.04
N ALA B 174 15.88 17.78 18.42
CA ALA B 174 16.02 17.34 17.02
C ALA B 174 15.94 18.57 16.10
N GLN B 175 16.55 18.47 14.92
CA GLN B 175 16.46 19.54 13.93
C GLN B 175 15.07 19.61 13.32
N TYR B 176 14.50 18.43 13.02
CA TYR B 176 13.18 18.31 12.40
C TYR B 176 12.35 17.26 13.14
N SER B 177 11.01 17.39 13.05
CA SER B 177 10.13 16.40 13.69
C SER B 177 8.79 16.33 13.01
N MET B 178 8.13 15.16 13.11
CA MET B 178 6.74 14.97 12.70
C MET B 178 6.14 14.23 13.90
N ILE B 179 5.20 14.87 14.59
CA ILE B 179 4.67 14.28 15.81
C ILE B 179 3.26 13.77 15.65
N GLY B 180 2.87 12.85 16.53
CA GLY B 180 1.51 12.35 16.54
C GLY B 180 1.14 11.35 15.47
N LEU B 181 2.13 10.61 14.93
CA LEU B 181 1.89 9.56 13.93
C LEU B 181 1.20 8.35 14.57
N LYS B 182 0.20 7.78 13.88
CA LYS B 182 -0.46 6.61 14.42
C LYS B 182 -0.88 5.66 13.32
N PRO B 183 -0.78 4.36 13.59
CA PRO B 183 -1.11 3.39 12.54
C PRO B 183 -2.62 3.27 12.34
N ARG B 184 -3.04 3.05 11.10
CA ARG B 184 -4.43 2.74 10.78
C ARG B 184 -4.45 1.24 10.36
N ARG B 185 -5.64 0.64 10.11
CA ARG B 185 -5.69 -0.79 9.80
C ARG B 185 -4.84 -1.19 8.63
N ALA B 186 -4.71 -0.30 7.62
CA ALA B 186 -3.87 -0.63 6.45
C ALA B 186 -2.39 -0.81 6.80
N ASP B 187 -1.95 -0.27 7.96
CA ASP B 187 -0.58 -0.40 8.44
C ASP B 187 -0.33 -1.70 9.19
N LEU B 188 -1.38 -2.52 9.44
CA LEU B 188 -1.22 -3.77 10.17
C LEU B 188 -1.07 -4.96 9.22
N ASP B 189 -0.36 -6.00 9.68
CA ASP B 189 -0.22 -7.23 8.90
C ASP B 189 -1.41 -8.17 9.28
N MET B 190 -1.46 -9.38 8.68
CA MET B 190 -2.57 -10.29 8.94
C MET B 190 -2.63 -10.73 10.42
N ASN B 191 -1.52 -10.59 11.18
CA ASN B 191 -1.54 -10.94 12.62
C ASN B 191 -1.80 -9.72 13.54
N GLN B 192 -2.20 -8.57 12.95
CA GLN B 192 -2.53 -7.33 13.64
C GLN B 192 -1.33 -6.66 14.34
N HIS B 193 -0.12 -6.94 13.86
CA HIS B 193 1.09 -6.25 14.30
C HIS B 193 1.37 -5.16 13.23
N VAL B 194 2.01 -4.05 13.63
CA VAL B 194 2.35 -3.01 12.64
C VAL B 194 3.38 -3.56 11.65
N ASN B 195 3.09 -3.40 10.37
CA ASN B 195 3.97 -3.87 9.30
C ASN B 195 5.35 -3.17 9.40
N ASN B 196 6.46 -3.92 9.20
CA ASN B 196 7.82 -3.33 9.29
C ASN B 196 8.01 -2.12 8.38
N VAL B 197 7.32 -2.11 7.23
CA VAL B 197 7.50 -1.03 6.27
C VAL B 197 6.92 0.30 6.78
N THR B 198 5.88 0.23 7.63
CA THR B 198 5.29 1.45 8.20
C THR B 198 6.35 2.29 8.94
N TYR B 199 7.28 1.61 9.66
CA TYR B 199 8.31 2.34 10.42
C TYR B 199 9.25 3.08 9.47
N ILE B 200 9.52 2.52 8.25
CA ILE B 200 10.33 3.25 7.27
C ILE B 200 9.59 4.55 6.85
N GLY B 201 8.28 4.44 6.59
CA GLY B 201 7.48 5.62 6.25
C GLY B 201 7.52 6.67 7.34
N TRP B 202 7.35 6.21 8.61
CA TRP B 202 7.38 7.16 9.73
C TRP B 202 8.73 7.83 9.89
N VAL B 203 9.84 7.11 9.65
CA VAL B 203 11.19 7.72 9.73
C VAL B 203 11.27 8.87 8.71
N LEU B 204 10.83 8.57 7.45
CA LEU B 204 10.95 9.52 6.36
C LEU B 204 10.03 10.74 6.51
N GLU B 205 8.95 10.63 7.33
CA GLU B 205 8.04 11.76 7.50
C GLU B 205 8.72 13.03 8.04
N SER B 206 9.82 12.87 8.82
CA SER B 206 10.49 14.05 9.36
C SER B 206 11.63 14.57 8.49
N ILE B 207 11.82 14.02 7.27
CA ILE B 207 12.80 14.57 6.33
C ILE B 207 12.05 15.72 5.67
N PRO B 208 12.67 16.90 5.56
CA PRO B 208 11.97 18.04 4.92
C PRO B 208 11.57 17.72 3.46
N GLN B 209 10.42 18.23 3.01
CA GLN B 209 9.97 17.99 1.63
C GLN B 209 11.00 18.51 0.58
N GLU B 210 11.78 19.56 0.91
CA GLU B 210 12.80 20.11 0.01
C GLU B 210 13.92 19.11 -0.30
N ILE B 211 14.29 18.29 0.68
CA ILE B 211 15.30 17.24 0.46
C ILE B 211 14.70 16.20 -0.47
N VAL B 212 13.45 15.76 -0.19
CA VAL B 212 12.80 14.76 -1.03
C VAL B 212 12.68 15.25 -2.49
N ASP B 213 12.36 16.54 -2.68
CA ASP B 213 12.24 17.12 -4.01
C ASP B 213 13.55 17.28 -4.78
N THR B 214 14.69 17.46 -4.07
CA THR B 214 15.97 17.71 -4.74
C THR B 214 16.97 16.57 -4.70
N HIS B 215 16.68 15.52 -3.91
CA HIS B 215 17.61 14.41 -3.75
C HIS B 215 16.92 13.06 -3.97
N GLU B 216 17.74 12.03 -4.21
CA GLU B 216 17.26 10.65 -4.27
C GLU B 216 17.82 9.94 -3.01
N LEU B 217 17.01 9.12 -2.34
CA LEU B 217 17.50 8.31 -1.22
C LEU B 217 18.37 7.16 -1.77
N GLN B 218 19.64 7.06 -1.30
CA GLN B 218 20.56 6.02 -1.75
C GLN B 218 20.62 4.87 -0.72
N VAL B 219 20.73 5.21 0.57
CA VAL B 219 20.88 4.16 1.60
C VAL B 219 19.99 4.48 2.78
N ILE B 220 19.32 3.43 3.33
CA ILE B 220 18.59 3.59 4.58
C ILE B 220 18.99 2.39 5.47
N THR B 221 19.33 2.66 6.75
CA THR B 221 19.64 1.61 7.70
C THR B 221 18.73 1.85 8.88
N LEU B 222 17.95 0.83 9.27
CA LEU B 222 17.00 1.01 10.34
C LEU B 222 17.08 -0.09 11.35
N ASP B 223 17.37 0.23 12.63
CA ASP B 223 17.34 -0.70 13.74
C ASP B 223 15.90 -0.71 14.31
N TYR B 224 15.44 -1.87 14.74
CA TYR B 224 14.12 -2.06 15.33
C TYR B 224 14.40 -2.53 16.78
N ARG B 225 13.78 -1.88 17.77
CA ARG B 225 14.09 -2.17 19.18
C ARG B 225 12.87 -2.65 19.96
N ARG B 226 11.71 -2.08 19.65
CA ARG B 226 10.45 -2.37 20.31
C ARG B 226 9.32 -2.12 19.30
N GLU B 227 8.24 -2.91 19.37
N GLU B 227 8.23 -2.90 19.38
N GLU B 227 8.24 -2.91 19.36
CA GLU B 227 7.13 -2.74 18.43
CA GLU B 227 7.14 -2.71 18.44
CA GLU B 227 7.13 -2.75 18.42
C GLU B 227 6.18 -1.62 18.83
C GLU B 227 6.23 -1.56 18.84
C GLU B 227 6.17 -1.64 18.83
N CYS B 228 5.65 -0.91 17.83
CA CYS B 228 4.63 0.11 18.05
C CYS B 228 3.33 -0.75 18.13
N GLN B 229 2.51 -0.57 19.17
CA GLN B 229 1.24 -1.31 19.25
C GLN B 229 0.15 -0.55 18.47
N GLN B 230 -0.98 -1.21 18.17
CA GLN B 230 -2.08 -0.59 17.41
C GLN B 230 -2.62 0.70 18.03
N ASP B 231 -2.57 0.82 19.37
CA ASP B 231 -3.05 2.01 20.07
C ASP B 231 -1.93 3.03 20.45
N ASP B 232 -0.69 2.80 20.00
CA ASP B 232 0.41 3.71 20.33
C ASP B 232 0.44 4.92 19.35
N VAL B 233 1.12 6.00 19.76
CA VAL B 233 1.31 7.23 18.97
C VAL B 233 2.82 7.48 18.94
N VAL B 234 3.36 7.82 17.76
CA VAL B 234 4.80 7.90 17.57
C VAL B 234 5.26 9.27 17.12
N ASP B 235 6.44 9.71 17.60
CA ASP B 235 7.04 10.94 17.13
C ASP B 235 8.30 10.51 16.33
N SER B 236 8.50 11.15 15.19
CA SER B 236 9.61 10.88 14.28
C SER B 236 10.56 12.11 14.34
N LEU B 237 11.82 11.88 14.67
CA LEU B 237 12.79 12.94 14.86
C LEU B 237 13.96 12.74 13.88
N THR B 238 14.51 13.85 13.33
CA THR B 238 15.61 13.77 12.38
C THR B 238 16.57 14.96 12.59
N THR B 239 17.88 14.68 12.49
CA THR B 239 18.92 15.72 12.55
C THR B 239 19.92 15.47 11.42
N THR B 240 20.31 16.53 10.69
CA THR B 240 21.30 16.41 9.63
C THR B 240 22.66 16.14 10.27
N THR B 241 23.41 15.16 9.74
CA THR B 241 24.76 14.88 10.26
C THR B 241 25.86 15.21 9.23
N SER B 242 25.50 15.50 7.97
CA SER B 242 26.50 15.87 6.98
C SER B 242 26.87 17.37 7.14
N ASP B 260 26.41 14.97 -1.02
CA ASP B 260 25.55 14.03 -0.30
C ASP B 260 25.00 14.65 0.98
N SER B 261 23.79 14.27 1.37
CA SER B 261 23.17 14.74 2.62
C SER B 261 22.92 13.49 3.49
N GLN B 262 23.27 13.53 4.79
CA GLN B 262 23.10 12.38 5.67
C GLN B 262 22.31 12.79 6.88
N PHE B 263 21.41 11.92 7.35
CA PHE B 263 20.58 12.22 8.51
C PHE B 263 20.66 11.10 9.53
N LEU B 264 20.38 11.48 10.80
CA LEU B 264 20.27 10.55 11.93
C LEU B 264 18.77 10.61 12.33
N HIS B 265 18.17 9.43 12.58
CA HIS B 265 16.74 9.34 12.86
C HIS B 265 16.43 8.65 14.16
N LEU B 266 15.29 9.03 14.78
CA LEU B 266 14.83 8.36 15.97
C LEU B 266 13.27 8.35 15.97
N LEU B 267 12.65 7.17 16.24
CA LEU B 267 11.21 7.05 16.45
C LEU B 267 11.04 6.70 17.92
N ARG B 268 10.16 7.42 18.61
CA ARG B 268 9.88 7.13 20.02
C ARG B 268 8.39 7.32 20.30
N LEU B 269 7.87 6.69 21.34
CA LEU B 269 6.45 6.83 21.67
C LEU B 269 6.18 8.27 22.14
N SER B 270 5.08 8.88 21.68
CA SER B 270 4.70 10.30 21.92
C SER B 270 4.57 10.65 23.37
N GLY B 271 4.09 9.71 24.16
CA GLY B 271 3.90 9.95 25.56
C GLY B 271 5.18 9.90 26.33
N ASP B 272 5.61 8.67 26.66
CA ASP B 272 6.76 8.50 27.54
C ASP B 272 8.14 8.60 26.91
N GLY B 273 8.22 8.71 25.57
CA GLY B 273 9.52 8.86 24.93
C GLY B 273 10.34 7.58 24.75
N GLN B 274 9.70 6.43 24.97
CA GLN B 274 10.35 5.12 24.79
C GLN B 274 10.82 4.95 23.35
N GLU B 275 12.13 4.64 23.14
CA GLU B 275 12.61 4.42 21.77
C GLU B 275 11.99 3.15 21.13
N ILE B 276 11.56 3.25 19.84
CA ILE B 276 11.12 2.06 19.13
C ILE B 276 12.08 1.75 17.96
N ASN B 277 12.70 2.80 17.34
CA ASN B 277 13.64 2.57 16.23
C ASN B 277 14.69 3.68 16.20
N ARG B 278 15.84 3.39 15.58
CA ARG B 278 16.80 4.45 15.27
C ARG B 278 17.36 4.13 13.87
N GLY B 279 17.83 5.13 13.15
CA GLY B 279 18.33 4.84 11.80
C GLY B 279 19.10 5.98 11.18
N THR B 280 19.65 5.72 9.99
CA THR B 280 20.35 6.74 9.24
C THR B 280 19.91 6.66 7.78
N THR B 281 19.97 7.79 7.07
CA THR B 281 19.69 7.79 5.64
C THR B 281 20.78 8.62 4.93
N LEU B 282 21.11 8.22 3.69
CA LEU B 282 22.09 8.91 2.86
C LEU B 282 21.38 9.29 1.57
N TRP B 283 21.49 10.56 1.16
CA TRP B 283 20.77 11.04 -0.02
C TRP B 283 21.75 11.70 -1.00
N ARG B 284 21.53 11.52 -2.30
CA ARG B 284 22.40 12.12 -3.31
C ARG B 284 21.59 13.16 -4.06
N LYS B 285 22.16 14.33 -4.33
CA LYS B 285 21.48 15.37 -5.09
C LYS B 285 21.17 14.88 -6.51
N LYS B 286 19.96 15.12 -7.00
CA LYS B 286 19.57 14.68 -8.35
C LYS B 286 20.43 15.39 -9.40
C4 71L C . -14.41 17.47 -5.59
C6 71L C . -15.81 19.27 -6.02
C7 71L C . -16.86 18.42 -6.32
C8 71L C . -15.99 20.77 -6.01
C3 71L C . -15.41 16.56 -5.95
C2 71L C . -16.65 17.04 -6.33
C1 71L C . -17.79 16.12 -6.69
N5 71L C . -14.61 18.81 -5.62
N9 71L C . -13.21 17.03 -5.22
S SO4 D . -12.83 7.75 -16.61
O1 SO4 D . -12.09 6.69 -15.94
O2 SO4 D . -14.27 7.49 -16.44
O3 SO4 D . -12.50 9.08 -16.03
O4 SO4 D . -12.39 7.79 -18.03
S SO4 E . -11.54 20.58 -4.26
O1 SO4 E . -11.41 20.69 -2.79
O2 SO4 E . -12.88 20.91 -4.63
O3 SO4 E . -10.54 21.46 -4.85
O4 SO4 E . -11.29 19.22 -4.76
C4 71L F . 12.16 -6.18 19.19
C6 71L F . 13.32 -6.67 21.15
C7 71L F . 14.53 -6.64 20.47
C8 71L F . 13.25 -6.90 22.63
C3 71L F . 13.36 -6.22 18.44
C2 71L F . 14.55 -6.45 19.10
C1 71L F . 15.86 -6.46 18.35
N5 71L F . 12.15 -6.43 20.52
N9 71L F . 11.00 -5.96 18.60
S SO4 G . 8.63 -5.91 21.84
O1 SO4 G . 7.66 -6.87 22.41
O2 SO4 G . 8.74 -6.15 20.41
O3 SO4 G . 8.18 -4.54 22.18
O4 SO4 G . 9.97 -6.01 22.37
S SO4 H . 14.36 -15.49 7.95
O1 SO4 H . 13.69 -15.20 9.24
O2 SO4 H . 15.76 -15.06 7.99
O3 SO4 H . 13.75 -14.59 6.95
O4 SO4 H . 14.12 -16.92 7.66
#